data_3BM2
#
_entry.id   3BM2
#
_cell.length_a   87.549
_cell.length_b   129.280
_cell.length_c   36.880
_cell.angle_alpha   90.00
_cell.angle_beta   103.75
_cell.angle_gamma   90.00
#
_symmetry.space_group_name_H-M   'C 1 2 1'
#
loop_
_entity.id
_entity.type
_entity.pdbx_description
1 polymer 'Protein ydjA'
2 water water
#
_entity_poly.entity_id   1
_entity_poly.type   'polypeptide(L)'
_entity_poly.pdbx_seq_one_letter_code
;(MSE)DALELLINRRSASRLAEPAPTGEQLQNILRAG(MSE)RAPDHKS(MSE)QPWHFFVIEGEGRERFSAVLEQGAIA
AGSDDKAIDKARNAPFRAPLIITVVAKCEENHKVPRWEQE(MSE)SAGCAV(MSE)A(MSE)Q(MSE)AAVAQGFGGIWR
SGALTESPVVREAFGCREQDKIVGFLYLGTPQLKASTSINVPDPTPFVTYFHH
;
_entity_poly.pdbx_strand_id   A,B
#
# COMPACT_ATOMS: atom_id res chain seq x y z
N MSE A 1 -9.11 17.92 -4.40
CA MSE A 1 -9.01 18.65 -3.11
C MSE A 1 -7.60 18.51 -2.52
O MSE A 1 -6.68 18.11 -3.22
CB MSE A 1 -10.03 18.11 -2.10
CG MSE A 1 -9.79 16.68 -1.67
SE MSE A 1 -9.94 15.38 -3.09
CE MSE A 1 -11.82 14.91 -2.88
N ASP A 2 -7.47 18.82 -1.24
CA ASP A 2 -6.17 18.74 -0.57
C ASP A 2 -5.69 17.31 -0.35
N ALA A 3 -4.49 17.02 -0.82
CA ALA A 3 -3.91 15.68 -0.69
C ALA A 3 -3.83 15.23 0.76
N LEU A 4 -3.51 16.16 1.66
CA LEU A 4 -3.41 15.81 3.06
C LEU A 4 -4.77 15.39 3.60
N GLU A 5 -5.81 16.17 3.29
CA GLU A 5 -7.15 15.85 3.74
C GLU A 5 -7.58 14.52 3.12
N LEU A 6 -7.12 14.28 1.89
CA LEU A 6 -7.45 13.04 1.20
C LEU A 6 -6.84 11.85 1.92
N LEU A 7 -5.59 12.00 2.36
CA LEU A 7 -4.88 10.94 3.07
C LEU A 7 -5.31 10.77 4.52
N ILE A 8 -5.42 11.89 5.23
CA ILE A 8 -5.81 11.86 6.63
C ILE A 8 -7.32 11.70 6.75
N ASN A 9 -8.06 12.75 6.45
CA ASN A 9 -9.51 12.70 6.52
C ASN A 9 -10.06 12.07 5.24
N ARG A 10 -9.83 10.78 5.08
CA ARG A 10 -10.30 10.07 3.89
C ARG A 10 -11.82 9.94 3.88
N ARG A 11 -12.38 9.38 4.96
CA ARG A 11 -13.80 9.17 5.08
C ARG A 11 -14.24 8.25 3.93
N SER A 12 -13.78 7.00 4.01
CA SER A 12 -14.08 5.97 3.02
C SER A 12 -15.39 6.17 2.26
N ALA A 13 -15.28 6.16 0.93
CA ALA A 13 -16.44 6.33 0.08
C ALA A 13 -17.39 5.15 0.25
N SER A 14 -18.69 5.44 0.36
CA SER A 14 -19.67 4.39 0.51
C SER A 14 -20.56 4.32 -0.72
N ARG A 15 -20.47 3.20 -1.43
CA ARG A 15 -21.23 2.95 -2.65
C ARG A 15 -20.69 3.76 -3.82
N LEU A 16 -20.60 3.11 -4.97
CA LEU A 16 -20.10 3.75 -6.19
C LEU A 16 -21.14 3.63 -7.29
N ALA A 17 -21.23 4.65 -8.13
CA ALA A 17 -22.18 4.66 -9.22
C ALA A 17 -21.59 5.33 -10.45
N GLU A 18 -22.39 5.40 -11.49
CA GLU A 18 -21.97 6.02 -12.74
C GLU A 18 -21.75 7.52 -12.49
N PRO A 19 -20.78 8.13 -13.19
CA PRO A 19 -19.90 7.49 -14.18
C PRO A 19 -18.67 6.82 -13.55
N ALA A 20 -18.05 5.94 -14.34
CA ALA A 20 -16.84 5.26 -13.91
C ALA A 20 -15.71 5.94 -14.67
N PRO A 21 -14.46 5.66 -14.28
CA PRO A 21 -13.34 6.27 -14.98
C PRO A 21 -13.24 5.63 -16.37
N THR A 22 -12.92 6.44 -17.38
CA THR A 22 -12.77 5.91 -18.72
C THR A 22 -11.55 6.52 -19.38
N GLY A 23 -11.14 5.93 -20.50
CA GLY A 23 -10.01 6.43 -21.25
C GLY A 23 -8.73 6.66 -20.47
N GLU A 24 -8.26 7.90 -20.50
CA GLU A 24 -7.03 8.26 -19.82
C GLU A 24 -7.16 8.27 -18.29
N GLN A 25 -8.34 8.61 -17.79
CA GLN A 25 -8.56 8.63 -16.36
C GLN A 25 -8.22 7.25 -15.78
N LEU A 26 -8.68 6.21 -16.47
CA LEU A 26 -8.42 4.83 -16.07
C LEU A 26 -6.94 4.53 -16.23
N GLN A 27 -6.36 4.99 -17.33
CA GLN A 27 -4.94 4.78 -17.59
C GLN A 27 -4.14 5.47 -16.50
N ASN A 28 -4.62 6.63 -16.05
CA ASN A 28 -3.95 7.38 -14.99
C ASN A 28 -3.92 6.53 -13.72
N ILE A 29 -5.05 5.91 -13.39
CA ILE A 29 -5.16 5.09 -12.20
C ILE A 29 -4.21 3.89 -12.27
N LEU A 30 -4.23 3.17 -13.40
CA LEU A 30 -3.37 2.01 -13.59
C LEU A 30 -1.89 2.38 -13.53
N ARG A 31 -1.55 3.50 -14.15
CA ARG A 31 -0.19 3.98 -14.20
C ARG A 31 0.31 4.26 -12.78
N ALA A 32 -0.61 4.72 -11.92
CA ALA A 32 -0.29 5.02 -10.53
C ALA A 32 0.08 3.75 -9.78
N GLY A 33 -0.59 2.65 -10.11
CA GLY A 33 -0.31 1.39 -9.45
C GLY A 33 1.03 0.81 -9.83
N MSE A 34 1.49 1.12 -11.04
CA MSE A 34 2.77 0.62 -11.54
C MSE A 34 3.95 1.34 -10.90
O MSE A 34 5.03 0.77 -10.78
CB MSE A 34 2.83 0.79 -13.05
CG MSE A 34 1.84 -0.07 -13.79
SE MSE A 34 1.88 0.30 -15.67
CE MSE A 34 3.56 -0.57 -16.11
N ARG A 35 3.74 2.58 -10.49
CA ARG A 35 4.78 3.38 -9.86
C ARG A 35 4.75 3.21 -8.34
N ALA A 36 5.55 2.27 -7.85
CA ALA A 36 5.64 1.98 -6.41
C ALA A 36 4.28 1.51 -5.89
N GLN A 43 7.59 -6.99 -9.69
CA GLN A 43 6.90 -7.90 -10.59
C GLN A 43 5.86 -7.16 -11.43
N PRO A 44 5.78 -7.46 -12.74
CA PRO A 44 4.83 -6.83 -13.66
C PRO A 44 3.37 -7.25 -13.39
N TRP A 45 2.51 -6.28 -13.09
CA TRP A 45 1.11 -6.57 -12.83
C TRP A 45 0.31 -6.69 -14.11
N HIS A 46 -0.75 -7.49 -14.07
CA HIS A 46 -1.62 -7.66 -15.22
C HIS A 46 -3.02 -7.19 -14.80
N PHE A 47 -3.53 -6.19 -15.51
CA PHE A 47 -4.84 -5.62 -15.19
C PHE A 47 -5.94 -6.08 -16.14
N PHE A 48 -7.10 -6.41 -15.57
CA PHE A 48 -8.25 -6.80 -16.35
C PHE A 48 -9.31 -5.73 -16.15
N VAL A 49 -9.81 -5.18 -17.25
CA VAL A 49 -10.84 -4.16 -17.17
C VAL A 49 -12.19 -4.83 -17.34
N ILE A 50 -13.04 -4.67 -16.33
CA ILE A 50 -14.37 -5.27 -16.34
C ILE A 50 -15.43 -4.18 -16.25
N GLU A 51 -16.29 -4.11 -17.26
CA GLU A 51 -17.35 -3.11 -17.31
C GLU A 51 -18.47 -3.54 -18.25
N GLY A 52 -19.58 -2.80 -18.24
CA GLY A 52 -20.70 -3.13 -19.10
C GLY A 52 -21.02 -4.61 -19.10
N GLU A 53 -21.01 -5.21 -20.29
CA GLU A 53 -21.30 -6.63 -20.45
C GLU A 53 -20.34 -7.53 -19.65
N GLY A 54 -19.08 -7.14 -19.62
CA GLY A 54 -18.08 -7.91 -18.90
C GLY A 54 -18.45 -8.20 -17.46
N ARG A 55 -19.21 -7.29 -16.83
CA ARG A 55 -19.59 -7.49 -15.44
C ARG A 55 -20.51 -8.68 -15.29
N GLU A 56 -21.34 -8.91 -16.31
CA GLU A 56 -22.28 -10.03 -16.31
C GLU A 56 -21.50 -11.33 -16.44
N ARG A 57 -20.46 -11.31 -17.26
CA ARG A 57 -19.62 -12.49 -17.44
C ARG A 57 -18.86 -12.74 -16.13
N PHE A 58 -18.33 -11.66 -15.56
CA PHE A 58 -17.58 -11.72 -14.30
C PHE A 58 -18.51 -12.24 -13.20
N SER A 59 -19.76 -11.82 -13.24
CA SER A 59 -20.76 -12.23 -12.26
C SER A 59 -20.99 -13.74 -12.32
N ALA A 60 -21.08 -14.27 -13.54
CA ALA A 60 -21.30 -15.70 -13.73
C ALA A 60 -20.08 -16.48 -13.25
N VAL A 61 -18.89 -15.92 -13.49
CA VAL A 61 -17.66 -16.58 -13.06
C VAL A 61 -17.61 -16.67 -11.53
N LEU A 62 -17.92 -15.55 -10.87
CA LEU A 62 -17.89 -15.53 -9.42
C LEU A 62 -18.90 -16.50 -8.82
N GLU A 63 -20.13 -16.48 -9.36
CA GLU A 63 -21.20 -17.34 -8.88
C GLU A 63 -20.82 -18.81 -9.02
N GLN A 64 -20.24 -19.18 -10.16
CA GLN A 64 -19.83 -20.55 -10.37
C GLN A 64 -18.78 -20.93 -9.34
N GLY A 65 -17.86 -20.01 -9.07
CA GLY A 65 -16.83 -20.29 -8.08
C GLY A 65 -17.44 -20.60 -6.72
N ALA A 66 -18.45 -19.82 -6.33
CA ALA A 66 -19.10 -20.04 -5.05
C ALA A 66 -19.77 -21.41 -5.09
N ILE A 67 -20.42 -21.72 -6.20
CA ILE A 67 -21.10 -23.00 -6.36
C ILE A 67 -20.09 -24.16 -6.29
N ALA A 68 -19.02 -24.05 -7.05
CA ALA A 68 -18.00 -25.10 -7.04
C ALA A 68 -17.43 -25.30 -5.64
N ALA A 69 -17.50 -24.26 -4.80
CA ALA A 69 -16.98 -24.32 -3.43
C ALA A 69 -18.02 -24.85 -2.43
N GLY A 70 -19.21 -25.19 -2.93
CA GLY A 70 -20.27 -25.70 -2.07
C GLY A 70 -20.79 -24.65 -1.11
N SER A 71 -20.81 -23.40 -1.54
CA SER A 71 -21.29 -22.31 -0.69
C SER A 71 -22.81 -22.32 -0.58
N ASP A 72 -23.33 -21.75 0.50
CA ASP A 72 -24.77 -21.69 0.68
C ASP A 72 -25.34 -20.60 -0.23
N ASP A 73 -26.65 -20.56 -0.39
CA ASP A 73 -27.29 -19.58 -1.25
C ASP A 73 -26.92 -18.12 -0.96
N LYS A 74 -26.81 -17.78 0.32
CA LYS A 74 -26.45 -16.41 0.70
C LYS A 74 -25.11 -16.04 0.07
N ALA A 75 -24.14 -16.93 0.20
CA ALA A 75 -22.81 -16.72 -0.34
C ALA A 75 -22.88 -16.72 -1.88
N ILE A 76 -23.71 -17.60 -2.44
CA ILE A 76 -23.85 -17.67 -3.89
C ILE A 76 -24.47 -16.38 -4.40
N ASP A 77 -25.48 -15.87 -3.71
CA ASP A 77 -26.12 -14.63 -4.13
C ASP A 77 -25.13 -13.47 -4.07
N LYS A 78 -24.36 -13.41 -2.99
CA LYS A 78 -23.38 -12.33 -2.81
C LYS A 78 -22.37 -12.33 -3.96
N ALA A 79 -21.92 -13.52 -4.34
CA ALA A 79 -20.96 -13.65 -5.42
C ALA A 79 -21.53 -13.15 -6.76
N ARG A 80 -22.74 -13.59 -7.10
CA ARG A 80 -23.38 -13.17 -8.34
C ARG A 80 -23.64 -11.66 -8.39
N ASN A 81 -24.04 -11.09 -7.25
CA ASN A 81 -24.35 -9.66 -7.16
C ASN A 81 -23.15 -8.71 -7.07
N ALA A 82 -22.02 -9.21 -6.59
CA ALA A 82 -20.80 -8.44 -6.40
C ALA A 82 -20.37 -7.47 -7.51
N PRO A 83 -20.31 -7.92 -8.76
CA PRO A 83 -19.88 -7.01 -9.83
C PRO A 83 -20.77 -5.79 -10.10
N PHE A 84 -21.99 -5.79 -9.60
CA PHE A 84 -22.90 -4.67 -9.85
C PHE A 84 -22.87 -3.61 -8.75
N ARG A 85 -21.91 -3.69 -7.85
CA ARG A 85 -21.81 -2.69 -6.78
C ARG A 85 -20.98 -1.49 -7.26
N ALA A 86 -20.51 -1.56 -8.50
CA ALA A 86 -19.73 -0.49 -9.11
C ALA A 86 -19.80 -0.65 -10.64
N PRO A 87 -19.74 0.47 -11.37
CA PRO A 87 -19.79 0.42 -12.84
C PRO A 87 -18.53 -0.15 -13.48
N LEU A 88 -17.42 -0.07 -12.76
CA LEU A 88 -16.16 -0.58 -13.26
C LEU A 88 -15.40 -1.36 -12.19
N ILE A 89 -14.76 -2.44 -12.62
CA ILE A 89 -13.98 -3.29 -11.72
C ILE A 89 -12.66 -3.65 -12.36
N ILE A 90 -11.57 -3.52 -11.62
CA ILE A 90 -10.28 -3.89 -12.16
C ILE A 90 -9.69 -5.05 -11.38
N THR A 91 -9.43 -6.14 -12.11
CA THR A 91 -8.84 -7.32 -11.51
C THR A 91 -7.34 -7.15 -11.57
N VAL A 92 -6.68 -7.29 -10.43
CA VAL A 92 -5.23 -7.16 -10.38
C VAL A 92 -4.57 -8.52 -10.23
N VAL A 93 -3.81 -8.91 -11.25
CA VAL A 93 -3.12 -10.19 -11.25
C VAL A 93 -1.61 -9.97 -11.16
N ALA A 94 -0.98 -10.63 -10.19
CA ALA A 94 0.46 -10.53 -9.99
C ALA A 94 1.15 -11.78 -10.53
N LYS A 95 2.40 -11.62 -10.91
CA LYS A 95 3.21 -12.72 -11.44
C LYS A 95 4.18 -13.19 -10.36
N CYS A 96 3.97 -14.41 -9.86
CA CYS A 96 4.83 -14.99 -8.83
C CYS A 96 6.10 -15.57 -9.44
N GLU A 106 8.47 -6.62 1.56
CA GLU A 106 7.94 -6.17 0.28
C GLU A 106 7.14 -7.30 -0.37
N GLN A 107 6.95 -8.38 0.40
CA GLN A 107 6.22 -9.56 -0.05
C GLN A 107 4.90 -9.17 -0.69
N GLU A 108 3.80 -9.31 0.06
CA GLU A 108 2.48 -8.96 -0.45
C GLU A 108 2.27 -7.49 -0.10
N MSE A 109 3.33 -6.86 0.36
CA MSE A 109 3.33 -5.46 0.74
C MSE A 109 3.30 -4.55 -0.49
O MSE A 109 2.70 -3.48 -0.48
CB MSE A 109 4.55 -5.17 1.61
CG MSE A 109 4.72 -3.74 2.06
SE MSE A 109 6.06 -3.67 3.44
CE MSE A 109 5.12 -2.59 4.73
N SER A 110 3.96 -5.00 -1.57
CA SER A 110 4.00 -4.23 -2.80
C SER A 110 2.59 -4.06 -3.34
N ALA A 111 1.77 -5.09 -3.16
CA ALA A 111 0.38 -5.03 -3.61
C ALA A 111 -0.32 -3.88 -2.86
N GLY A 112 -0.12 -3.84 -1.54
CA GLY A 112 -0.71 -2.81 -0.72
C GLY A 112 -0.34 -1.41 -1.16
N CYS A 113 0.91 -1.23 -1.57
CA CYS A 113 1.41 0.06 -2.04
C CYS A 113 0.73 0.46 -3.34
N ALA A 114 0.62 -0.49 -4.26
CA ALA A 114 0.01 -0.26 -5.56
C ALA A 114 -1.47 0.09 -5.45
N VAL A 115 -2.21 -0.70 -4.66
CA VAL A 115 -3.64 -0.43 -4.49
C VAL A 115 -3.88 0.93 -3.85
N MSE A 116 -3.05 1.30 -2.88
CA MSE A 116 -3.19 2.60 -2.23
C MSE A 116 -3.00 3.72 -3.26
O MSE A 116 -3.78 4.66 -3.34
CB MSE A 116 -2.18 2.75 -1.09
CG MSE A 116 -2.23 4.09 -0.38
SE MSE A 116 -3.97 4.51 0.36
CE MSE A 116 -4.15 3.01 1.55
N ALA A 117 -1.94 3.60 -4.07
CA ALA A 117 -1.65 4.58 -5.10
C ALA A 117 -2.81 4.73 -6.07
N MSE A 118 -3.38 3.60 -6.50
CA MSE A 118 -4.50 3.60 -7.45
C MSE A 118 -5.75 4.27 -6.87
O MSE A 118 -6.45 5.01 -7.57
CB MSE A 118 -4.83 2.16 -7.88
CG MSE A 118 -3.71 1.43 -8.59
SE MSE A 118 -4.20 -0.36 -9.26
CE MSE A 118 -3.88 -1.38 -7.67
N GLN A 119 -6.04 3.99 -5.60
CA GLN A 119 -7.21 4.57 -4.94
C GLN A 119 -7.06 6.08 -4.87
N MSE A 120 -5.87 6.55 -4.54
CA MSE A 120 -5.62 7.97 -4.44
C MSE A 120 -5.76 8.60 -5.82
O MSE A 120 -6.30 9.70 -5.96
CB MSE A 120 -4.22 8.24 -3.88
CG MSE A 120 -4.08 7.94 -2.38
SE MSE A 120 -5.23 9.04 -1.24
CE MSE A 120 -6.70 7.79 -1.02
N ALA A 121 -5.28 7.89 -6.84
CA ALA A 121 -5.38 8.37 -8.21
C ALA A 121 -6.85 8.50 -8.62
N ALA A 122 -7.67 7.57 -8.15
CA ALA A 122 -9.09 7.62 -8.48
C ALA A 122 -9.74 8.77 -7.70
N VAL A 123 -9.54 8.79 -6.38
CA VAL A 123 -10.13 9.82 -5.54
C VAL A 123 -9.70 11.23 -5.95
N ALA A 124 -8.48 11.36 -6.46
CA ALA A 124 -8.00 12.68 -6.87
C ALA A 124 -8.82 13.23 -8.04
N GLN A 125 -9.30 12.34 -8.91
CA GLN A 125 -10.08 12.74 -10.09
C GLN A 125 -11.58 12.75 -9.79
N GLY A 126 -11.92 12.63 -8.51
CA GLY A 126 -13.33 12.65 -8.14
C GLY A 126 -14.00 11.29 -8.11
N PHE A 127 -13.23 10.23 -8.31
CA PHE A 127 -13.83 8.90 -8.27
C PHE A 127 -13.58 8.28 -6.91
N GLY A 128 -14.10 7.08 -6.72
CA GLY A 128 -13.92 6.38 -5.48
C GLY A 128 -13.48 4.98 -5.84
N GLY A 129 -12.66 4.38 -5.00
CA GLY A 129 -12.19 3.04 -5.25
C GLY A 129 -12.34 2.18 -4.02
N ILE A 130 -12.98 1.03 -4.18
CA ILE A 130 -13.18 0.12 -3.06
C ILE A 130 -12.51 -1.20 -3.38
N TRP A 131 -11.57 -1.59 -2.51
CA TRP A 131 -10.82 -2.82 -2.69
C TRP A 131 -11.48 -4.00 -2.01
N ARG A 132 -11.61 -5.08 -2.77
CA ARG A 132 -12.21 -6.32 -2.30
C ARG A 132 -11.34 -7.49 -2.76
N SER A 133 -11.35 -8.54 -1.97
CA SER A 133 -10.56 -9.72 -2.27
C SER A 133 -11.45 -10.95 -2.12
N GLY A 134 -11.37 -11.59 -0.95
CA GLY A 134 -12.18 -12.75 -0.68
C GLY A 134 -11.55 -14.05 -1.13
N ALA A 135 -12.08 -15.15 -0.60
CA ALA A 135 -11.57 -16.48 -0.93
C ALA A 135 -11.76 -16.85 -2.39
N LEU A 136 -12.65 -16.15 -3.09
CA LEU A 136 -12.88 -16.46 -4.50
C LEU A 136 -11.71 -16.12 -5.41
N THR A 137 -10.77 -15.30 -4.94
CA THR A 137 -9.60 -14.97 -5.76
C THR A 137 -8.78 -16.26 -5.92
N GLU A 138 -8.94 -17.18 -4.98
CA GLU A 138 -8.21 -18.45 -4.95
C GLU A 138 -8.90 -19.58 -5.73
N SER A 139 -10.19 -19.41 -6.02
CA SER A 139 -10.99 -20.39 -6.75
C SER A 139 -10.45 -20.80 -8.12
N PRO A 140 -10.35 -22.12 -8.36
CA PRO A 140 -9.86 -22.59 -9.65
C PRO A 140 -10.71 -22.03 -10.79
N VAL A 141 -12.01 -21.94 -10.56
CA VAL A 141 -12.94 -21.41 -11.57
C VAL A 141 -12.63 -19.96 -11.93
N VAL A 142 -12.43 -19.13 -10.92
CA VAL A 142 -12.14 -17.71 -11.12
C VAL A 142 -10.76 -17.52 -11.73
N ARG A 143 -9.78 -18.32 -11.30
CA ARG A 143 -8.42 -18.22 -11.82
C ARG A 143 -8.35 -18.58 -13.31
N GLU A 144 -9.18 -19.53 -13.72
CA GLU A 144 -9.22 -19.96 -15.11
C GLU A 144 -9.83 -18.86 -15.96
N ALA A 145 -10.89 -18.22 -15.46
CA ALA A 145 -11.56 -17.15 -16.19
C ALA A 145 -10.60 -16.01 -16.52
N PHE A 146 -9.57 -15.84 -15.70
CA PHE A 146 -8.59 -14.79 -15.93
C PHE A 146 -7.30 -15.40 -16.49
N GLY A 147 -7.38 -16.68 -16.87
CA GLY A 147 -6.24 -17.39 -17.44
C GLY A 147 -5.00 -17.43 -16.58
N CYS A 148 -5.18 -17.64 -15.27
CA CYS A 148 -4.06 -17.70 -14.35
C CYS A 148 -3.28 -19.00 -14.46
N ARG A 149 -1.97 -18.87 -14.51
CA ARG A 149 -1.10 -20.02 -14.60
C ARG A 149 -0.53 -20.22 -13.19
N GLU A 150 0.33 -21.22 -13.04
CA GLU A 150 0.95 -21.52 -11.76
C GLU A 150 1.72 -20.31 -11.23
N GLN A 151 2.20 -19.45 -12.13
CA GLN A 151 2.95 -18.26 -11.74
C GLN A 151 2.05 -17.04 -11.52
N ASP A 152 0.75 -17.18 -11.75
CA ASP A 152 -0.15 -16.06 -11.59
C ASP A 152 -1.02 -16.14 -10.36
N LYS A 153 -1.26 -14.99 -9.74
CA LYS A 153 -2.08 -14.90 -8.56
C LYS A 153 -2.99 -13.68 -8.60
N ILE A 154 -4.30 -13.92 -8.47
CA ILE A 154 -5.27 -12.83 -8.47
C ILE A 154 -5.14 -12.15 -7.11
N VAL A 155 -4.71 -10.89 -7.09
CA VAL A 155 -4.54 -10.15 -5.85
C VAL A 155 -5.88 -9.69 -5.28
N GLY A 156 -6.74 -9.23 -6.18
CA GLY A 156 -8.04 -8.74 -5.76
C GLY A 156 -8.71 -7.92 -6.83
N PHE A 157 -9.79 -7.26 -6.44
CA PHE A 157 -10.57 -6.46 -7.36
C PHE A 157 -10.74 -5.05 -6.84
N LEU A 158 -10.49 -4.07 -7.69
CA LEU A 158 -10.67 -2.69 -7.29
C LEU A 158 -11.95 -2.18 -7.96
N TYR A 159 -12.97 -1.90 -7.15
CA TYR A 159 -14.23 -1.38 -7.65
C TYR A 159 -14.10 0.15 -7.83
N LEU A 160 -14.47 0.64 -9.01
CA LEU A 160 -14.35 2.06 -9.32
C LEU A 160 -15.65 2.69 -9.84
N GLY A 161 -15.89 3.93 -9.42
CA GLY A 161 -17.07 4.66 -9.82
C GLY A 161 -17.11 6.03 -9.17
N THR A 162 -18.27 6.68 -9.20
CA THR A 162 -18.41 7.99 -8.56
C THR A 162 -18.99 7.75 -7.17
N PRO A 163 -18.30 8.21 -6.13
CA PRO A 163 -18.78 8.02 -4.76
C PRO A 163 -20.14 8.63 -4.46
N GLN A 164 -20.98 7.88 -3.76
CA GLN A 164 -22.31 8.34 -3.41
C GLN A 164 -22.25 8.95 -2.01
N LEU A 165 -21.62 8.23 -1.09
CA LEU A 165 -21.47 8.71 0.26
C LEU A 165 -22.82 9.07 0.88
N SER A 170 -16.11 13.58 5.04
CA SER A 170 -16.43 14.08 6.38
C SER A 170 -15.18 14.06 7.26
N ILE A 171 -14.89 15.20 7.88
CA ILE A 171 -13.73 15.36 8.75
C ILE A 171 -13.39 14.18 9.66
N ASN A 172 -12.13 14.13 10.08
CA ASN A 172 -11.60 13.08 10.95
C ASN A 172 -10.10 13.29 11.07
N VAL A 173 -9.55 13.14 12.27
CA VAL A 173 -8.12 13.31 12.48
C VAL A 173 -7.58 12.40 13.58
N PRO A 174 -6.88 11.33 13.20
CA PRO A 174 -6.31 10.37 14.15
C PRO A 174 -5.20 10.97 15.00
N ASP A 175 -4.98 10.38 16.17
CA ASP A 175 -3.94 10.87 17.08
C ASP A 175 -2.87 9.79 17.25
N PRO A 176 -1.68 10.02 16.67
CA PRO A 176 -0.58 9.07 16.75
C PRO A 176 0.12 9.02 18.11
N THR A 177 0.11 10.14 18.83
CA THR A 177 0.76 10.27 20.14
C THR A 177 0.84 9.01 20.99
N PRO A 178 -0.31 8.37 21.29
CA PRO A 178 -0.23 7.16 22.10
C PRO A 178 0.48 6.03 21.36
N PHE A 179 0.71 6.23 20.06
CA PHE A 179 1.37 5.23 19.23
C PHE A 179 2.79 5.63 18.83
N VAL A 180 3.29 6.72 19.39
CA VAL A 180 4.63 7.20 19.07
C VAL A 180 5.57 7.27 20.28
N THR A 181 6.81 6.82 20.06
CA THR A 181 7.82 6.84 21.09
C THR A 181 9.14 7.27 20.46
N TYR A 182 9.89 8.11 21.17
CA TYR A 182 11.17 8.58 20.67
C TYR A 182 12.29 7.63 21.07
N PHE A 183 13.04 7.18 20.07
CA PHE A 183 14.13 6.23 20.28
C PHE A 183 15.27 6.82 21.11
N HIS A 184 16.22 7.47 20.44
CA HIS A 184 17.38 8.08 21.10
C HIS A 184 17.92 7.33 22.32
N MSE B 1 -0.83 20.83 -1.05
CA MSE B 1 -1.02 20.72 -2.52
C MSE B 1 -2.26 19.88 -2.83
O MSE B 1 -2.72 19.11 -1.99
CB MSE B 1 0.20 20.05 -3.16
CG MSE B 1 0.54 18.67 -2.60
SE MSE B 1 1.69 17.62 -3.77
CE MSE B 1 3.35 18.59 -3.52
N ASP B 2 -2.80 20.06 -4.02
CA ASP B 2 -3.98 19.32 -4.42
C ASP B 2 -3.60 17.85 -4.66
N ALA B 3 -4.55 16.96 -4.41
CA ALA B 3 -4.33 15.53 -4.60
C ALA B 3 -3.84 15.29 -6.03
N LEU B 4 -4.40 16.06 -6.97
CA LEU B 4 -4.04 15.94 -8.37
C LEU B 4 -2.54 16.17 -8.60
N GLU B 5 -1.98 17.13 -7.87
CA GLU B 5 -0.55 17.42 -8.02
C GLU B 5 0.27 16.24 -7.52
N LEU B 6 -0.29 15.49 -6.57
CA LEU B 6 0.41 14.35 -6.01
C LEU B 6 0.69 13.28 -7.08
N LEU B 7 0.09 13.43 -8.25
CA LEU B 7 0.31 12.51 -9.35
C LEU B 7 1.39 13.06 -10.28
N ILE B 8 2.28 13.88 -9.71
CA ILE B 8 3.37 14.50 -10.45
C ILE B 8 4.38 13.50 -11.04
N ASN B 9 5.57 14.01 -11.34
CA ASN B 9 6.65 13.21 -11.92
C ASN B 9 6.90 11.90 -11.18
N ARG B 10 6.73 11.92 -9.86
CA ARG B 10 6.94 10.73 -9.04
C ARG B 10 8.36 10.20 -9.18
N ARG B 11 9.30 11.11 -9.42
CA ARG B 11 10.71 10.74 -9.57
C ARG B 11 11.39 10.65 -8.20
N SER B 12 10.81 9.84 -7.32
CA SER B 12 11.35 9.67 -5.98
C SER B 12 12.78 9.13 -6.01
N ALA B 13 13.74 10.05 -6.06
CA ALA B 13 15.16 9.68 -6.09
C ALA B 13 15.70 9.56 -4.66
N SER B 14 16.89 9.00 -4.54
CA SER B 14 17.51 8.85 -3.22
C SER B 14 18.07 10.18 -2.73
N ARG B 15 18.90 10.12 -1.70
CA ARG B 15 19.51 11.32 -1.14
C ARG B 15 18.52 12.22 -0.39
N LEU B 16 18.26 11.87 0.87
CA LEU B 16 17.35 12.66 1.71
C LEU B 16 18.20 13.40 2.73
N ALA B 17 17.98 14.71 2.86
CA ALA B 17 18.75 15.52 3.80
C ALA B 17 17.86 16.37 4.68
N GLU B 18 18.47 17.28 5.43
CA GLU B 18 17.72 18.17 6.29
C GLU B 18 17.12 19.25 5.41
N PRO B 19 16.01 19.86 5.86
CA PRO B 19 15.31 19.58 7.12
C PRO B 19 14.48 18.32 7.08
N ALA B 20 14.27 17.73 8.25
CA ALA B 20 13.45 16.54 8.41
C ALA B 20 12.09 17.10 8.81
N PRO B 21 11.00 16.38 8.49
CA PRO B 21 9.70 16.92 8.89
C PRO B 21 9.56 16.91 10.41
N THR B 22 8.99 17.99 10.95
CA THR B 22 8.84 18.08 12.40
C THR B 22 7.46 18.64 12.75
N GLY B 23 7.12 18.55 14.03
CA GLY B 23 5.84 19.04 14.50
C GLY B 23 4.67 18.39 13.80
N GLU B 24 3.71 19.21 13.38
CA GLU B 24 2.52 18.70 12.72
C GLU B 24 2.83 18.00 11.40
N GLN B 25 3.83 18.50 10.67
CA GLN B 25 4.23 17.89 9.41
C GLN B 25 4.51 16.40 9.62
N LEU B 26 5.28 16.08 10.66
CA LEU B 26 5.59 14.70 10.97
C LEU B 26 4.33 13.97 11.47
N GLN B 27 3.53 14.65 12.28
CA GLN B 27 2.31 14.04 12.81
C GLN B 27 1.37 13.68 11.66
N ASN B 28 1.36 14.51 10.63
CA ASN B 28 0.50 14.27 9.47
C ASN B 28 0.90 13.02 8.69
N ILE B 29 2.20 12.74 8.67
CA ILE B 29 2.71 11.57 7.97
C ILE B 29 2.27 10.31 8.74
N LEU B 30 2.39 10.37 10.05
CA LEU B 30 1.99 9.25 10.91
C LEU B 30 0.48 9.02 10.82
N ARG B 31 -0.28 10.11 10.84
CA ARG B 31 -1.74 10.01 10.75
C ARG B 31 -2.15 9.27 9.49
N ALA B 32 -1.53 9.65 8.37
CA ALA B 32 -1.83 9.04 7.09
C ALA B 32 -1.54 7.55 7.09
N GLY B 33 -0.47 7.16 7.76
CA GLY B 33 -0.12 5.76 7.83
C GLY B 33 -1.16 4.99 8.61
N MSE B 34 -1.80 5.68 9.55
CA MSE B 34 -2.83 5.06 10.40
C MSE B 34 -4.15 4.82 9.70
O MSE B 34 -4.78 3.79 9.90
CB MSE B 34 -3.07 5.93 11.63
CG MSE B 34 -1.80 6.29 12.38
SE MSE B 34 -2.20 7.12 14.07
CE MSE B 34 -2.32 8.97 13.55
N ARG B 35 -4.57 5.77 8.88
CA ARG B 35 -5.84 5.65 8.16
C ARG B 35 -5.68 4.97 6.81
N ALA B 36 -5.72 3.64 6.83
CA ALA B 36 -5.60 2.83 5.62
C ALA B 36 -6.01 1.39 5.90
N PRO B 37 -7.17 1.18 6.56
CA PRO B 37 -7.65 -0.16 6.86
C PRO B 37 -8.42 -0.79 5.70
N ASP B 38 -9.72 -1.00 5.90
CA ASP B 38 -10.59 -1.58 4.89
C ASP B 38 -10.01 -2.87 4.32
N TRP B 45 -0.55 0.03 15.44
CA TRP B 45 0.82 0.26 14.99
C TRP B 45 1.59 1.14 15.96
N HIS B 46 2.84 0.78 16.22
CA HIS B 46 3.69 1.54 17.12
C HIS B 46 4.81 2.16 16.31
N PHE B 47 4.96 3.48 16.43
CA PHE B 47 5.97 4.22 15.71
C PHE B 47 7.12 4.63 16.62
N PHE B 48 8.33 4.53 16.10
CA PHE B 48 9.53 4.94 16.84
C PHE B 48 10.20 6.03 16.04
N VAL B 49 10.37 7.21 16.66
CA VAL B 49 11.01 8.35 16.01
C VAL B 49 12.51 8.34 16.27
N ILE B 50 13.29 8.13 15.20
CA ILE B 50 14.74 8.11 15.33
C ILE B 50 15.34 9.32 14.65
N GLU B 51 15.94 10.20 15.45
CA GLU B 51 16.56 11.41 14.92
C GLU B 51 17.73 11.86 15.79
N GLY B 52 18.57 12.72 15.25
CA GLY B 52 19.71 13.21 15.99
C GLY B 52 20.52 12.07 16.61
N GLU B 53 20.94 12.27 17.85
CA GLU B 53 21.73 11.28 18.57
C GLU B 53 21.13 9.89 18.55
N GLY B 54 19.80 9.80 18.39
CA GLY B 54 19.15 8.51 18.33
C GLY B 54 19.67 7.66 17.18
N ARG B 55 20.10 8.35 16.11
CA ARG B 55 20.65 7.67 14.94
C ARG B 55 21.90 6.87 15.30
N GLU B 56 22.68 7.41 16.24
CA GLU B 56 23.91 6.76 16.70
C GLU B 56 23.56 5.38 17.24
N ARG B 57 22.62 5.37 18.17
CA ARG B 57 22.16 4.15 18.81
C ARG B 57 21.64 3.16 17.77
N PHE B 58 20.72 3.62 16.93
CA PHE B 58 20.13 2.77 15.89
C PHE B 58 21.25 2.15 15.08
N SER B 59 22.26 2.95 14.75
CA SER B 59 23.40 2.47 13.97
C SER B 59 24.08 1.33 14.71
N ALA B 60 24.32 1.51 16.01
CA ALA B 60 24.97 0.48 16.82
C ALA B 60 24.14 -0.78 16.85
N VAL B 61 22.82 -0.63 17.00
CA VAL B 61 21.92 -1.77 17.03
C VAL B 61 21.91 -2.53 15.70
N LEU B 62 21.85 -1.79 14.59
CA LEU B 62 21.84 -2.46 13.30
C LEU B 62 23.16 -3.20 13.12
N GLU B 63 24.27 -2.53 13.41
CA GLU B 63 25.57 -3.17 13.25
C GLU B 63 25.70 -4.44 14.08
N GLN B 64 25.28 -4.39 15.35
CA GLN B 64 25.35 -5.57 16.20
C GLN B 64 24.46 -6.64 15.61
N GLY B 65 23.33 -6.22 15.05
CA GLY B 65 22.42 -7.16 14.44
C GLY B 65 23.09 -7.87 13.29
N ALA B 66 23.72 -7.11 12.41
CA ALA B 66 24.40 -7.68 11.27
C ALA B 66 25.51 -8.63 11.73
N ILE B 67 26.26 -8.21 12.75
CA ILE B 67 27.35 -9.05 13.26
C ILE B 67 26.81 -10.37 13.79
N ALA B 68 25.81 -10.31 14.66
CA ALA B 68 25.23 -11.54 15.21
C ALA B 68 24.64 -12.45 14.13
N ALA B 69 24.26 -11.87 13.00
CA ALA B 69 23.68 -12.63 11.90
C ALA B 69 24.75 -13.23 11.00
N GLY B 70 26.01 -13.04 11.36
CA GLY B 70 27.09 -13.58 10.57
C GLY B 70 27.24 -12.95 9.20
N SER B 71 26.87 -11.68 9.07
CA SER B 71 26.98 -10.98 7.79
C SER B 71 28.44 -10.64 7.51
N ASP B 72 28.74 -10.33 6.26
CA ASP B 72 30.12 -10.01 5.90
C ASP B 72 30.45 -8.52 6.12
N ASP B 73 31.75 -8.22 6.19
CA ASP B 73 32.21 -6.86 6.42
C ASP B 73 31.40 -5.79 5.71
N LYS B 74 31.21 -5.94 4.40
CA LYS B 74 30.49 -4.95 3.62
C LYS B 74 29.07 -4.76 4.15
N ALA B 75 28.40 -5.87 4.48
CA ALA B 75 27.04 -5.80 5.00
C ALA B 75 27.03 -5.16 6.37
N ILE B 76 28.04 -5.46 7.18
CA ILE B 76 28.15 -4.89 8.52
C ILE B 76 28.33 -3.37 8.45
N ASP B 77 29.21 -2.93 7.56
CA ASP B 77 29.48 -1.51 7.39
C ASP B 77 28.25 -0.82 6.83
N LYS B 78 27.51 -1.51 5.97
CA LYS B 78 26.31 -0.92 5.40
C LYS B 78 25.28 -0.74 6.51
N ALA B 79 25.22 -1.72 7.41
CA ALA B 79 24.27 -1.64 8.51
C ALA B 79 24.58 -0.42 9.42
N ARG B 80 25.86 -0.22 9.72
CA ARG B 80 26.29 0.89 10.56
C ARG B 80 26.00 2.26 9.93
N ASN B 81 26.25 2.36 8.63
CA ASN B 81 26.07 3.61 7.90
C ASN B 81 24.65 3.98 7.53
N ALA B 82 23.76 2.98 7.55
CA ALA B 82 22.36 3.16 7.17
C ALA B 82 21.59 4.35 7.78
N PRO B 83 21.54 4.46 9.11
CA PRO B 83 20.84 5.55 9.80
C PRO B 83 21.19 6.98 9.38
N PHE B 84 22.38 7.15 8.80
CA PHE B 84 22.82 8.49 8.41
C PHE B 84 22.47 8.87 6.99
N ARG B 85 21.65 8.07 6.34
CA ARG B 85 21.23 8.33 4.97
C ARG B 85 20.02 9.29 4.91
N ALA B 86 19.47 9.61 6.07
CA ALA B 86 18.34 10.54 6.18
C ALA B 86 18.39 11.11 7.60
N PRO B 87 17.89 12.35 7.81
CA PRO B 87 17.89 12.98 9.13
C PRO B 87 16.85 12.41 10.09
N LEU B 88 15.86 11.71 9.52
CA LEU B 88 14.80 11.13 10.30
C LEU B 88 14.45 9.73 9.82
N ILE B 89 14.17 8.84 10.76
CA ILE B 89 13.79 7.46 10.45
C ILE B 89 12.64 7.09 11.36
N ILE B 90 11.61 6.48 10.80
CA ILE B 90 10.47 6.03 11.59
C ILE B 90 10.39 4.50 11.52
N THR B 91 10.56 3.84 12.66
CA THR B 91 10.45 2.39 12.70
C THR B 91 8.98 2.04 12.90
N VAL B 92 8.44 1.19 12.03
CA VAL B 92 7.03 0.79 12.11
C VAL B 92 6.94 -0.62 12.65
N VAL B 93 6.37 -0.75 13.85
CA VAL B 93 6.21 -2.03 14.53
C VAL B 93 4.74 -2.42 14.60
N ALA B 94 4.46 -3.69 14.39
CA ALA B 94 3.08 -4.18 14.45
C ALA B 94 2.92 -5.22 15.56
N LYS B 95 1.70 -5.32 16.08
CA LYS B 95 1.41 -6.29 17.14
C LYS B 95 0.67 -7.50 16.55
N VAL B 102 -7.45 -11.98 11.10
CA VAL B 102 -6.27 -11.21 10.71
C VAL B 102 -5.21 -12.13 10.09
N PRO B 103 -5.49 -12.63 8.87
CA PRO B 103 -4.55 -13.51 8.16
C PRO B 103 -3.21 -12.86 7.81
N ARG B 104 -2.31 -13.66 7.26
CA ARG B 104 -0.98 -13.18 6.87
C ARG B 104 -1.08 -12.14 5.77
N TRP B 105 -1.64 -12.53 4.64
CA TRP B 105 -1.79 -11.64 3.48
C TRP B 105 -2.46 -10.32 3.83
N GLU B 106 -3.33 -10.35 4.84
CA GLU B 106 -4.05 -9.16 5.26
C GLU B 106 -3.12 -8.09 5.81
N GLN B 107 -2.43 -8.40 6.90
CA GLN B 107 -1.51 -7.46 7.52
C GLN B 107 -0.42 -7.04 6.54
N GLU B 108 0.00 -7.99 5.72
CA GLU B 108 1.03 -7.74 4.72
C GLU B 108 0.63 -6.57 3.85
N MSE B 109 -0.55 -6.66 3.26
CA MSE B 109 -1.05 -5.62 2.37
C MSE B 109 -1.43 -4.34 3.09
O MSE B 109 -1.26 -3.25 2.54
CB MSE B 109 -2.24 -6.16 1.59
CG MSE B 109 -2.52 -5.39 0.32
SE MSE B 109 -3.78 -6.30 -0.79
CE MSE B 109 -2.65 -7.72 -1.42
N SER B 110 -1.96 -4.45 4.31
CA SER B 110 -2.34 -3.27 5.08
C SER B 110 -1.09 -2.44 5.31
N ALA B 111 0.00 -3.14 5.60
CA ALA B 111 1.30 -2.49 5.84
C ALA B 111 1.68 -1.64 4.63
N GLY B 112 1.58 -2.25 3.44
CA GLY B 112 1.91 -1.55 2.22
C GLY B 112 1.00 -0.35 1.96
N CYS B 113 -0.29 -0.50 2.24
CA CYS B 113 -1.24 0.59 2.06
C CYS B 113 -0.79 1.77 2.93
N ALA B 114 -0.46 1.48 4.19
CA ALA B 114 -0.04 2.48 5.15
C ALA B 114 1.27 3.15 4.78
N VAL B 115 2.25 2.36 4.34
CA VAL B 115 3.54 2.94 3.97
C VAL B 115 3.40 3.90 2.78
N MSE B 116 2.66 3.47 1.77
CA MSE B 116 2.46 4.31 0.58
C MSE B 116 1.78 5.63 1.00
O MSE B 116 2.12 6.70 0.48
CB MSE B 116 1.58 3.55 -0.43
CG MSE B 116 1.26 4.34 -1.69
SE MSE B 116 2.83 4.85 -2.71
CE MSE B 116 3.44 3.12 -3.27
N ALA B 117 0.85 5.54 1.93
CA ALA B 117 0.15 6.73 2.38
C ALA B 117 1.11 7.67 3.08
N MSE B 118 1.98 7.13 3.93
CA MSE B 118 2.95 7.94 4.64
C MSE B 118 3.89 8.67 3.66
O MSE B 118 4.20 9.85 3.85
CB MSE B 118 3.76 7.07 5.60
CG MSE B 118 2.93 6.56 6.78
SE MSE B 118 3.79 5.19 7.84
CE MSE B 118 4.92 6.33 8.94
N GLN B 119 4.33 7.96 2.63
CA GLN B 119 5.21 8.55 1.64
C GLN B 119 4.51 9.69 0.88
N MSE B 120 3.21 9.53 0.66
CA MSE B 120 2.43 10.53 -0.05
C MSE B 120 2.22 11.77 0.84
O MSE B 120 2.24 12.89 0.34
CB MSE B 120 1.08 9.95 -0.49
CG MSE B 120 1.17 9.00 -1.70
SE MSE B 120 -0.49 8.13 -2.26
CE MSE B 120 -1.11 9.44 -3.55
N ALA B 121 2.04 11.54 2.13
CA ALA B 121 1.85 12.63 3.09
C ALA B 121 3.14 13.45 3.21
N ALA B 122 4.27 12.78 3.08
CA ALA B 122 5.57 13.43 3.15
C ALA B 122 5.72 14.30 1.90
N VAL B 123 5.44 13.72 0.74
CA VAL B 123 5.55 14.44 -0.52
C VAL B 123 4.66 15.67 -0.51
N ALA B 124 3.40 15.47 -0.16
CA ALA B 124 2.43 16.55 -0.10
C ALA B 124 2.93 17.73 0.71
N GLN B 125 3.85 17.49 1.63
CA GLN B 125 4.38 18.57 2.45
C GLN B 125 5.81 18.98 2.06
N GLY B 126 6.26 18.54 0.89
CA GLY B 126 7.59 18.90 0.43
C GLY B 126 8.73 18.02 0.92
N PHE B 127 8.38 16.89 1.51
CA PHE B 127 9.40 15.99 2.02
C PHE B 127 9.47 14.74 1.17
N GLY B 128 10.27 13.78 1.62
CA GLY B 128 10.40 12.54 0.91
C GLY B 128 10.65 11.42 1.88
N GLY B 129 10.34 10.21 1.45
CA GLY B 129 10.54 9.07 2.31
C GLY B 129 10.97 7.85 1.52
N ILE B 130 11.93 7.11 2.05
CA ILE B 130 12.43 5.91 1.40
C ILE B 130 12.19 4.77 2.37
N TRP B 131 11.43 3.77 1.91
CA TRP B 131 11.12 2.62 2.74
C TRP B 131 12.21 1.55 2.71
N ARG B 132 12.56 1.03 3.88
CA ARG B 132 13.55 -0.03 3.99
C ARG B 132 13.06 -1.11 4.96
N SER B 133 13.42 -2.35 4.66
CA SER B 133 13.04 -3.49 5.51
C SER B 133 13.75 -4.77 5.08
N GLY B 134 14.99 -4.95 5.53
CA GLY B 134 15.73 -6.14 5.18
C GLY B 134 15.63 -7.22 6.24
N ALA B 135 16.55 -8.19 6.17
CA ALA B 135 16.60 -9.31 7.09
C ALA B 135 16.87 -8.88 8.54
N LEU B 136 17.51 -7.73 8.72
CA LEU B 136 17.82 -7.24 10.07
C LEU B 136 16.54 -6.94 10.83
N THR B 137 15.46 -6.83 10.07
CA THR B 137 14.15 -6.56 10.62
C THR B 137 13.76 -7.73 11.55
N GLU B 138 14.32 -8.90 11.29
CA GLU B 138 14.05 -10.09 12.08
C GLU B 138 15.14 -10.44 13.09
N SER B 139 16.17 -9.60 13.17
CA SER B 139 17.28 -9.83 14.10
C SER B 139 16.85 -9.71 15.56
N PRO B 140 17.21 -10.70 16.38
CA PRO B 140 16.83 -10.63 17.79
C PRO B 140 17.29 -9.33 18.46
N VAL B 141 18.52 -8.92 18.19
CA VAL B 141 19.08 -7.70 18.76
C VAL B 141 18.26 -6.47 18.39
N VAL B 142 17.93 -6.34 17.11
CA VAL B 142 17.15 -5.21 16.64
C VAL B 142 15.74 -5.24 17.20
N ARG B 143 15.11 -6.42 17.19
CA ARG B 143 13.76 -6.58 17.73
C ARG B 143 13.76 -6.18 19.21
N GLU B 144 14.78 -6.63 19.94
CA GLU B 144 14.91 -6.33 21.35
C GLU B 144 15.03 -4.82 21.56
N ALA B 145 15.81 -4.17 20.70
CA ALA B 145 16.02 -2.73 20.78
C ALA B 145 14.71 -1.96 20.72
N PHE B 146 13.72 -2.49 20.02
CA PHE B 146 12.44 -1.82 19.91
C PHE B 146 11.36 -2.50 20.75
N GLY B 147 11.80 -3.27 21.74
CA GLY B 147 10.88 -3.97 22.62
C GLY B 147 9.84 -4.83 21.94
N CYS B 148 10.28 -5.71 21.04
CA CYS B 148 9.35 -6.59 20.35
C CYS B 148 9.09 -7.87 21.13
N ARG B 149 7.81 -8.15 21.38
CA ARG B 149 7.40 -9.36 22.08
C ARG B 149 7.31 -10.45 21.02
N GLU B 150 6.89 -11.65 21.43
CA GLU B 150 6.76 -12.76 20.49
C GLU B 150 5.84 -12.42 19.33
N GLN B 151 4.70 -11.82 19.63
CA GLN B 151 3.71 -11.44 18.60
C GLN B 151 4.16 -10.22 17.81
N ASP B 152 4.90 -9.34 18.46
CA ASP B 152 5.40 -8.12 17.82
C ASP B 152 6.24 -8.40 16.60
N LYS B 153 6.22 -7.46 15.66
CA LYS B 153 6.98 -7.61 14.44
C LYS B 153 7.40 -6.25 13.88
N ILE B 154 8.68 -6.11 13.56
CA ILE B 154 9.16 -4.87 12.96
C ILE B 154 8.77 -4.94 11.49
N VAL B 155 7.97 -3.98 11.06
CA VAL B 155 7.53 -3.95 9.68
C VAL B 155 8.62 -3.39 8.78
N GLY B 156 9.27 -2.32 9.24
CA GLY B 156 10.32 -1.72 8.45
C GLY B 156 10.68 -0.34 8.96
N PHE B 157 11.52 0.34 8.20
CA PHE B 157 12.00 1.65 8.59
C PHE B 157 11.76 2.65 7.49
N LEU B 158 11.09 3.76 7.81
CA LEU B 158 10.83 4.79 6.82
C LEU B 158 11.79 5.96 7.03
N TYR B 159 12.69 6.15 6.06
CA TYR B 159 13.65 7.22 6.10
C TYR B 159 12.98 8.48 5.56
N LEU B 160 13.12 9.58 6.28
CA LEU B 160 12.51 10.84 5.89
C LEU B 160 13.47 12.01 5.93
N GLY B 161 13.21 12.99 5.07
CA GLY B 161 14.03 14.18 4.99
C GLY B 161 13.62 15.00 3.79
N THR B 162 14.46 15.97 3.43
CA THR B 162 14.18 16.82 2.27
C THR B 162 14.92 16.22 1.08
N PRO B 163 14.20 15.98 -0.02
CA PRO B 163 14.82 15.40 -1.20
C PRO B 163 15.96 16.26 -1.77
N GLN B 164 16.93 15.59 -2.38
CA GLN B 164 18.07 16.25 -3.02
C GLN B 164 18.01 15.91 -4.50
N LEU B 165 17.34 16.76 -5.28
CA LEU B 165 17.21 16.54 -6.72
C LEU B 165 16.82 15.08 -7.02
N VAL B 173 7.90 7.34 -19.11
CA VAL B 173 6.51 7.33 -18.68
C VAL B 173 5.96 5.92 -18.61
N PRO B 174 5.52 5.47 -17.43
CA PRO B 174 4.97 4.13 -17.23
C PRO B 174 3.89 3.81 -18.25
N ASP B 175 3.97 2.64 -18.86
CA ASP B 175 2.97 2.23 -19.84
C ASP B 175 2.26 0.96 -19.41
N PRO B 176 1.03 1.09 -18.90
CA PRO B 176 0.21 -0.04 -18.45
C PRO B 176 -0.35 -0.86 -19.59
N THR B 177 -0.42 -0.25 -20.77
CA THR B 177 -0.95 -0.90 -21.95
C THR B 177 -0.48 -2.36 -22.10
N PRO B 178 0.85 -2.60 -22.02
CA PRO B 178 1.33 -3.98 -22.15
C PRO B 178 0.81 -4.89 -21.03
N PHE B 179 0.13 -4.28 -20.06
CA PHE B 179 -0.39 -5.02 -18.91
C PHE B 179 -1.91 -4.91 -18.75
N VAL B 180 -2.63 -4.57 -19.81
CA VAL B 180 -4.08 -4.42 -19.73
C VAL B 180 -4.89 -5.31 -20.67
N THR B 181 -5.91 -5.97 -20.13
CA THR B 181 -6.78 -6.84 -20.89
C THR B 181 -8.22 -6.52 -20.53
N TYR B 182 -9.12 -6.59 -21.50
CA TYR B 182 -10.52 -6.31 -21.25
C TYR B 182 -11.36 -7.59 -21.16
N PHE B 183 -12.12 -7.72 -20.07
CA PHE B 183 -12.99 -8.87 -19.86
C PHE B 183 -14.22 -8.67 -20.73
N HIS B 184 -14.03 -8.77 -22.04
CA HIS B 184 -15.08 -8.55 -23.03
C HIS B 184 -16.41 -9.29 -22.86
N HIS B 185 -16.35 -10.58 -22.52
CA HIS B 185 -17.56 -11.38 -22.33
C HIS B 185 -18.07 -11.93 -23.67
#